data_1OYY
#
_entry.id   1OYY
#
_cell.length_a   66.591
_cell.length_b   54.534
_cell.length_c   78.686
_cell.angle_alpha   90.00
_cell.angle_beta   110.78
_cell.angle_gamma   90.00
#
_symmetry.space_group_name_H-M   'P 1 21 1'
#
loop_
_entity.id
_entity.type
_entity.pdbx_description
1 polymer 'ATP-dependent DNA helicase'
2 non-polymer 'ZINC ION'
3 non-polymer 'MANGANESE (II) ION'
4 non-polymer 'PHOSPHOTHIOPHOSPHORIC ACID-ADENYLATE ESTER'
5 water water
#
_entity_poly.entity_id   1
_entity_poly.type   'polypeptide(L)'
_entity_poly.pdbx_seq_one_letter_code
;MAQAEVLNLESGAKQVLQETFGYQQFRPGQEEIIDTVLSGRDCLVVMPTGGGKSLCYQIPALLLNGLTVVVSPLISLMKD
QVDQLQANGVAAACLNSTQTREQQLEVMTGCRTGQIRLLYIAPERLMLDNFLEHLAHWNPVLLAVDEAHCISQWGHDFRP
EYAALGQLRQRFPTLPFMALTATADDTTRQDIVRLLGLNDPLIQISSFDRPNIRYMLMEKFKPLDQLMRYVQEQRGKSGI
IYCNSRAKVEDTAARLQSKGISAAAYHAGLENNVRADVQEKFQRDDLQIVVATVAFGMGINKPNVRFVVHFDIPRNIESY
YQETGRAGRDGLPAEAMLFYDPADMAWLRRCLEEKPQGQLQDIERHKLNAMGAFAEAQTCRRLVLLNYFGEGRQEPCGNC
DICLDPPKQYDGSTDAQIALSTIGRVNQRFGMGYVVEVIRGANNQRIRDYGHDKLKVYGMGRDKSHEHWVSVIRQLIHLG
LVTQNIAQHSALQLTEAARPVLRGESSLQLAVPRIVALKPKAM
;
_entity_poly.pdbx_strand_id   A
#
# COMPACT_ATOMS: atom_id res chain seq x y z
N MET A 1 -6.04 -21.10 27.35
CA MET A 1 -4.99 -21.88 28.06
C MET A 1 -3.65 -21.78 27.32
N ALA A 2 -3.80 -21.35 26.06
CA ALA A 2 -2.66 -21.18 25.17
C ALA A 2 -2.18 -22.59 24.79
N GLN A 3 -3.13 -23.49 24.61
CA GLN A 3 -2.82 -24.88 24.34
C GLN A 3 -2.99 -25.15 22.84
N ALA A 4 -1.95 -25.76 22.28
CA ALA A 4 -1.96 -26.12 20.86
C ALA A 4 -3.18 -27.00 20.56
N GLU A 5 -3.92 -26.64 19.52
CA GLU A 5 -5.18 -27.31 19.24
C GLU A 5 -5.00 -28.66 18.57
N VAL A 6 -3.97 -28.81 17.74
CA VAL A 6 -3.80 -30.06 16.98
C VAL A 6 -2.57 -30.88 17.35
N LEU A 7 -2.57 -32.14 16.93
CA LEU A 7 -1.45 -33.06 17.21
C LEU A 7 -0.42 -32.98 16.09
N ASN A 8 -0.79 -33.10 14.82
CA ASN A 8 0.13 -32.89 13.72
C ASN A 8 0.06 -31.48 13.14
N LEU A 9 0.99 -30.57 13.37
CA LEU A 9 1.03 -29.20 12.96
C LEU A 9 0.88 -29.00 11.45
N GLU A 10 1.51 -29.85 10.66
CA GLU A 10 1.43 -29.78 9.22
C GLU A 10 -0.03 -29.82 8.76
N SER A 11 -0.71 -30.90 9.09
CA SER A 11 -2.12 -31.05 8.74
C SER A 11 -3.05 -30.23 9.62
N GLY A 12 -2.59 -29.72 10.73
CA GLY A 12 -3.27 -28.77 11.58
C GLY A 12 -3.67 -27.46 10.94
N ALA A 13 -2.78 -26.81 10.19
CA ALA A 13 -3.10 -25.54 9.55
C ALA A 13 -4.44 -25.62 8.82
N LYS A 14 -4.50 -26.51 7.83
CA LYS A 14 -5.69 -26.67 7.00
C LYS A 14 -6.84 -27.23 7.83
N GLN A 15 -6.56 -28.11 8.81
CA GLN A 15 -7.66 -28.43 9.72
C GLN A 15 -8.36 -27.16 10.22
N VAL A 16 -7.61 -26.28 10.89
CA VAL A 16 -8.09 -25.05 11.50
C VAL A 16 -8.80 -24.15 10.49
N LEU A 17 -8.18 -23.88 9.37
CA LEU A 17 -8.68 -23.11 8.27
C LEU A 17 -10.15 -23.36 7.93
N GLN A 18 -10.45 -24.64 7.77
CA GLN A 18 -11.73 -25.19 7.45
C GLN A 18 -12.64 -25.29 8.68
N GLU A 19 -12.10 -25.88 9.73
CA GLU A 19 -12.92 -26.11 10.92
C GLU A 19 -13.12 -24.90 11.80
N THR A 20 -12.12 -24.04 11.85
CA THR A 20 -12.23 -22.85 12.70
C THR A 20 -12.62 -21.64 11.88
N PHE A 21 -12.01 -21.34 10.74
CA PHE A 21 -12.43 -20.15 10.02
C PHE A 21 -13.39 -20.44 8.87
N GLY A 22 -13.90 -21.65 8.71
CA GLY A 22 -14.81 -22.04 7.66
C GLY A 22 -14.41 -21.95 6.21
N TYR A 23 -13.20 -21.54 5.87
CA TYR A 23 -12.75 -21.43 4.49
C TYR A 23 -12.43 -22.83 3.97
N GLN A 24 -12.29 -23.00 2.66
CA GLN A 24 -12.05 -24.30 2.08
C GLN A 24 -10.58 -24.56 1.74
N GLN A 25 -9.95 -23.59 1.08
CA GLN A 25 -8.56 -23.66 0.70
C GLN A 25 -7.78 -22.39 1.04
N PHE A 26 -6.46 -22.53 1.19
CA PHE A 26 -5.53 -21.47 1.40
C PHE A 26 -5.30 -20.54 0.21
N ARG A 27 -5.14 -19.25 0.51
CA ARG A 27 -4.81 -18.32 -0.57
C ARG A 27 -3.29 -18.26 -0.71
N PRO A 28 -2.81 -18.50 -1.92
CA PRO A 28 -1.39 -18.47 -2.24
C PRO A 28 -0.66 -17.46 -1.38
N GLY A 29 0.45 -17.92 -0.83
CA GLY A 29 1.21 -17.24 0.19
C GLY A 29 0.92 -17.86 1.56
N GLN A 30 -0.35 -17.93 1.92
CA GLN A 30 -0.88 -18.36 3.18
C GLN A 30 -0.35 -19.64 3.79
N GLU A 31 -0.19 -20.73 3.05
CA GLU A 31 0.32 -21.96 3.66
C GLU A 31 1.80 -21.83 4.01
N GLU A 32 2.51 -21.28 3.01
CA GLU A 32 3.97 -21.17 3.20
C GLU A 32 4.32 -20.31 4.40
N ILE A 33 3.54 -19.29 4.69
CA ILE A 33 3.75 -18.42 5.82
C ILE A 33 3.46 -19.17 7.11
N ILE A 34 2.30 -19.81 7.10
CA ILE A 34 1.82 -20.57 8.25
C ILE A 34 2.75 -21.72 8.61
N ASP A 35 3.29 -22.42 7.61
CA ASP A 35 4.20 -23.52 7.94
C ASP A 35 5.52 -22.95 8.44
N THR A 36 5.87 -21.79 7.88
CA THR A 36 7.13 -21.19 8.28
C THR A 36 6.98 -20.68 9.70
N VAL A 37 5.81 -20.04 9.91
CA VAL A 37 5.60 -19.55 11.28
C VAL A 37 5.52 -20.69 12.25
N LEU A 38 4.99 -21.89 11.93
CA LEU A 38 4.98 -22.89 12.99
C LEU A 38 6.37 -23.41 13.29
N SER A 39 7.25 -23.31 12.30
CA SER A 39 8.59 -23.82 12.37
C SER A 39 9.44 -22.96 13.29
N GLY A 40 9.02 -21.76 13.68
CA GLY A 40 9.86 -20.90 14.46
C GLY A 40 10.72 -19.97 13.63
N ARG A 41 10.52 -19.82 12.32
CA ARG A 41 11.37 -18.88 11.57
C ARG A 41 10.71 -17.51 11.35
N ASP A 42 11.39 -16.45 11.70
CA ASP A 42 10.96 -15.09 11.45
C ASP A 42 10.42 -14.90 10.03
N CYS A 43 9.50 -13.99 9.85
CA CYS A 43 8.88 -13.67 8.58
C CYS A 43 8.45 -12.24 8.25
N LEU A 44 8.55 -11.85 7.01
CA LEU A 44 7.98 -10.70 6.37
C LEU A 44 7.07 -11.21 5.21
N VAL A 45 5.78 -10.96 5.44
CA VAL A 45 4.62 -11.22 4.66
C VAL A 45 4.02 -9.97 4.01
N VAL A 46 4.07 -9.89 2.70
CA VAL A 46 3.58 -8.76 1.92
C VAL A 46 2.39 -9.22 1.10
N MET A 47 1.17 -9.17 1.61
CA MET A 47 -0.02 -9.59 0.94
C MET A 47 -0.75 -8.33 0.47
N PRO A 48 -1.18 -8.39 -0.79
CA PRO A 48 -1.95 -7.37 -1.44
C PRO A 48 -3.27 -7.09 -0.73
N THR A 49 -3.86 -5.99 -1.13
CA THR A 49 -5.08 -5.48 -0.54
C THR A 49 -6.16 -6.50 -0.24
N GLY A 50 -6.30 -6.78 1.05
CA GLY A 50 -7.33 -7.66 1.57
C GLY A 50 -7.08 -9.12 1.16
N GLY A 51 -5.78 -9.43 1.13
CA GLY A 51 -5.31 -10.68 0.59
C GLY A 51 -5.43 -11.86 1.55
N GLY A 52 -5.69 -11.58 2.81
CA GLY A 52 -5.88 -12.58 3.85
C GLY A 52 -4.68 -12.57 4.80
N LYS A 53 -4.34 -11.43 5.39
CA LYS A 53 -3.13 -11.42 6.20
C LYS A 53 -3.34 -11.82 7.65
N SER A 54 -4.46 -11.59 8.30
CA SER A 54 -4.61 -11.92 9.72
C SER A 54 -4.53 -13.41 10.02
N LEU A 55 -4.98 -14.23 9.09
CA LEU A 55 -4.97 -15.67 9.24
C LEU A 55 -3.53 -16.12 9.44
N CYS A 56 -2.60 -15.50 8.74
CA CYS A 56 -1.20 -15.86 8.84
C CYS A 56 -0.61 -15.88 10.24
N TYR A 57 -1.15 -15.15 11.21
CA TYR A 57 -0.75 -15.23 12.58
C TYR A 57 -1.91 -15.85 13.36
N GLN A 58 -3.17 -15.67 12.93
CA GLN A 58 -4.18 -16.34 13.80
C GLN A 58 -4.10 -17.85 13.81
N ILE A 59 -3.80 -18.52 12.69
CA ILE A 59 -3.77 -19.98 12.59
C ILE A 59 -2.64 -20.58 13.40
N PRO A 60 -1.43 -19.98 13.30
CA PRO A 60 -0.30 -20.49 14.06
C PRO A 60 -0.55 -20.32 15.55
N ALA A 61 -1.19 -19.22 15.98
CA ALA A 61 -1.52 -18.94 17.35
C ALA A 61 -2.45 -19.99 17.93
N LEU A 62 -3.41 -20.46 17.13
CA LEU A 62 -4.32 -21.50 17.50
C LEU A 62 -3.58 -22.83 17.53
N LEU A 63 -2.56 -23.05 16.69
CA LEU A 63 -1.81 -24.28 16.79
C LEU A 63 -0.63 -24.25 17.74
N LEU A 64 -0.32 -23.20 18.46
CA LEU A 64 0.86 -23.27 19.36
C LEU A 64 0.38 -23.17 20.81
N ASN A 65 1.30 -23.50 21.68
CA ASN A 65 1.15 -23.33 23.10
C ASN A 65 1.89 -22.02 23.42
N GLY A 66 1.27 -21.14 24.18
CA GLY A 66 1.88 -19.86 24.52
C GLY A 66 1.00 -18.75 24.00
N LEU A 67 1.44 -17.54 24.24
CA LEU A 67 0.80 -16.30 23.91
C LEU A 67 1.40 -15.64 22.65
N THR A 68 0.53 -15.52 21.66
CA THR A 68 0.82 -14.78 20.44
C THR A 68 0.46 -13.32 20.69
N VAL A 69 1.35 -12.33 20.60
CA VAL A 69 1.10 -10.90 20.68
C VAL A 69 1.04 -10.32 19.25
N VAL A 70 -0.02 -9.58 18.97
CA VAL A 70 -0.26 -8.93 17.70
C VAL A 70 -0.28 -7.43 17.98
N VAL A 71 0.65 -6.67 17.40
CA VAL A 71 0.76 -5.24 17.57
C VAL A 71 0.08 -4.54 16.39
N SER A 72 -0.71 -3.54 16.70
CA SER A 72 -1.47 -2.82 15.68
C SER A 72 -1.82 -1.42 16.13
N PRO A 73 -1.78 -0.49 15.19
CA PRO A 73 -2.05 0.91 15.50
C PRO A 73 -3.53 1.20 15.34
N LEU A 74 -4.29 0.23 14.85
CA LEU A 74 -5.68 0.44 14.51
C LEU A 74 -6.64 0.08 15.63
N ILE A 75 -6.58 0.80 16.72
CA ILE A 75 -7.46 0.60 17.87
C ILE A 75 -8.84 0.96 17.33
N SER A 76 -9.85 0.14 17.48
CA SER A 76 -11.16 0.49 16.90
C SER A 76 -11.20 -0.20 15.53
N LEU A 77 -11.04 -1.51 15.68
CA LEU A 77 -10.88 -2.47 14.60
C LEU A 77 -10.16 -3.66 15.26
N MET A 78 -9.16 -3.34 16.10
CA MET A 78 -8.50 -4.36 16.91
C MET A 78 -9.58 -4.94 17.82
N LYS A 79 -10.34 -4.08 18.48
CA LYS A 79 -11.44 -4.46 19.36
C LYS A 79 -12.44 -5.35 18.62
N ASP A 80 -12.66 -4.99 17.36
CA ASP A 80 -13.55 -5.69 16.47
C ASP A 80 -13.02 -6.99 15.91
N GLN A 81 -11.73 -7.27 16.01
CA GLN A 81 -11.19 -8.57 15.67
C GLN A 81 -11.36 -9.48 16.91
N VAL A 82 -11.15 -8.86 18.05
CA VAL A 82 -11.27 -9.53 19.35
C VAL A 82 -12.62 -10.19 19.46
N ASP A 83 -13.70 -9.43 19.32
CA ASP A 83 -15.08 -9.87 19.42
C ASP A 83 -15.46 -10.98 18.45
N GLN A 84 -15.07 -10.86 17.18
CA GLN A 84 -15.34 -11.88 16.18
C GLN A 84 -14.52 -13.14 16.48
N LEU A 85 -13.26 -12.95 16.88
CA LEU A 85 -12.44 -14.08 17.32
C LEU A 85 -13.07 -14.70 18.56
N GLN A 86 -13.55 -13.89 19.51
CA GLN A 86 -14.21 -14.49 20.67
C GLN A 86 -15.47 -15.19 20.18
N ALA A 87 -16.18 -14.62 19.20
CA ALA A 87 -17.37 -15.25 18.66
C ALA A 87 -17.11 -16.68 18.23
N ASN A 88 -16.04 -16.85 17.46
CA ASN A 88 -15.62 -18.13 16.92
C ASN A 88 -14.93 -18.98 17.96
N GLY A 89 -15.00 -18.71 19.24
CA GLY A 89 -14.38 -19.50 20.28
C GLY A 89 -12.93 -19.17 20.56
N VAL A 90 -12.31 -18.31 19.77
CA VAL A 90 -10.92 -17.93 19.86
C VAL A 90 -10.76 -16.92 20.99
N ALA A 91 -9.90 -17.25 21.94
CA ALA A 91 -9.61 -16.48 23.13
C ALA A 91 -8.67 -15.29 22.92
N ALA A 92 -9.19 -14.23 22.32
CA ALA A 92 -8.50 -13.00 21.98
C ALA A 92 -8.72 -11.88 23.00
N ALA A 93 -7.93 -10.82 22.92
CA ALA A 93 -8.07 -9.66 23.76
C ALA A 93 -7.21 -8.55 23.18
N CYS A 94 -7.52 -7.32 23.63
CA CYS A 94 -6.67 -6.20 23.22
C CYS A 94 -6.32 -5.42 24.48
N LEU A 95 -5.32 -4.58 24.33
CA LEU A 95 -4.80 -3.85 25.48
C LEU A 95 -4.19 -2.55 24.97
N ASN A 96 -4.93 -1.48 25.15
CA ASN A 96 -4.52 -0.16 24.70
C ASN A 96 -4.73 0.89 25.79
N SER A 97 -4.26 2.10 25.53
CA SER A 97 -4.32 3.16 26.53
C SER A 97 -5.73 3.77 26.64
N THR A 98 -6.63 3.45 25.74
CA THR A 98 -8.02 3.77 25.61
C THR A 98 -8.90 2.97 26.57
N GLN A 99 -8.43 1.85 27.09
CA GLN A 99 -9.11 1.15 28.16
C GLN A 99 -8.89 1.81 29.50
N THR A 100 -9.70 1.47 30.46
CA THR A 100 -9.57 1.81 31.87
C THR A 100 -8.51 1.00 32.59
N ARG A 101 -7.88 1.48 33.68
CA ARG A 101 -6.80 0.75 34.29
C ARG A 101 -7.22 -0.62 34.85
N GLU A 102 -8.49 -0.75 35.15
CA GLU A 102 -9.10 -1.92 35.75
C GLU A 102 -9.20 -3.01 34.70
N GLN A 103 -9.55 -2.55 33.51
CA GLN A 103 -9.77 -3.36 32.33
C GLN A 103 -8.44 -3.82 31.72
N GLN A 104 -7.45 -2.94 31.81
CA GLN A 104 -6.13 -3.31 31.31
C GLN A 104 -5.53 -4.39 32.20
N LEU A 105 -5.68 -4.27 33.51
CA LEU A 105 -5.18 -5.26 34.44
C LEU A 105 -5.81 -6.64 34.29
N GLU A 106 -7.06 -6.73 33.87
CA GLU A 106 -7.85 -7.92 33.69
C GLU A 106 -7.44 -8.76 32.49
N VAL A 107 -6.96 -8.03 31.50
CA VAL A 107 -6.38 -8.58 30.31
C VAL A 107 -4.95 -9.00 30.65
N MET A 108 -4.22 -8.26 31.47
CA MET A 108 -2.92 -8.71 31.96
C MET A 108 -3.01 -10.00 32.76
N THR A 109 -3.99 -10.08 33.66
CA THR A 109 -4.31 -11.27 34.41
C THR A 109 -4.78 -12.47 33.61
N GLY A 110 -5.27 -12.37 32.41
CA GLY A 110 -5.66 -13.51 31.58
C GLY A 110 -4.48 -13.97 30.71
N CYS A 111 -3.49 -13.07 30.58
CA CYS A 111 -2.27 -13.39 29.86
C CYS A 111 -1.35 -14.09 30.86
N ARG A 112 -1.19 -13.55 32.06
CA ARG A 112 -0.50 -14.19 33.17
C ARG A 112 -0.93 -15.64 33.34
N THR A 113 -2.21 -15.89 33.55
CA THR A 113 -2.72 -17.20 33.83
C THR A 113 -3.04 -18.04 32.61
N GLY A 114 -2.72 -17.62 31.39
CA GLY A 114 -2.97 -18.34 30.18
C GLY A 114 -4.40 -18.61 29.80
N GLN A 115 -5.32 -17.76 30.25
CA GLN A 115 -6.66 -17.80 29.68
C GLN A 115 -6.71 -17.00 28.39
N ILE A 116 -5.68 -16.26 27.99
CA ILE A 116 -5.77 -15.52 26.72
C ILE A 116 -4.71 -16.07 25.79
N ARG A 117 -5.16 -16.38 24.60
CA ARG A 117 -4.28 -16.98 23.59
C ARG A 117 -3.68 -15.92 22.68
N LEU A 118 -4.59 -14.97 22.39
CA LEU A 118 -4.20 -13.96 21.41
C LEU A 118 -4.46 -12.55 21.83
N LEU A 119 -3.43 -11.73 21.92
CA LEU A 119 -3.40 -10.44 22.56
C LEU A 119 -2.98 -9.37 21.55
N TYR A 120 -3.94 -8.54 21.19
CA TYR A 120 -3.77 -7.39 20.32
C TYR A 120 -3.42 -6.17 21.19
N ILE A 121 -2.24 -5.59 20.99
CA ILE A 121 -1.81 -4.47 21.83
C ILE A 121 -1.33 -3.30 20.96
N ALA A 122 -1.68 -2.09 21.39
CA ALA A 122 -1.16 -0.90 20.71
C ALA A 122 0.32 -0.75 20.95
N PRO A 123 1.10 -0.24 19.99
CA PRO A 123 2.55 -0.08 20.13
C PRO A 123 3.03 0.67 21.37
N GLU A 124 2.50 1.86 21.57
CA GLU A 124 2.66 2.70 22.76
C GLU A 124 2.45 1.88 24.02
N ARG A 125 1.43 1.06 24.13
CA ARG A 125 1.16 0.31 25.34
C ARG A 125 2.21 -0.74 25.66
N LEU A 126 2.69 -1.38 24.59
CA LEU A 126 3.68 -2.44 24.64
C LEU A 126 5.02 -1.96 25.15
N MET A 127 5.42 -0.70 25.01
CA MET A 127 6.71 -0.26 25.51
C MET A 127 6.61 0.54 26.81
N LEU A 128 5.41 0.79 27.30
CA LEU A 128 5.22 1.56 28.52
C LEU A 128 4.95 0.78 29.79
N ASP A 129 5.36 1.37 30.92
CA ASP A 129 5.16 0.83 32.25
C ASP A 129 5.65 -0.59 32.43
N ASN A 130 6.88 -0.85 32.02
CA ASN A 130 7.49 -2.17 32.09
C ASN A 130 6.57 -3.28 31.61
N PHE A 131 5.98 -3.08 30.42
CA PHE A 131 5.10 -4.13 29.91
C PHE A 131 5.91 -5.34 29.52
N LEU A 132 7.07 -5.16 28.88
CA LEU A 132 7.92 -6.23 28.40
C LEU A 132 8.37 -7.20 29.49
N GLU A 133 8.58 -6.63 30.68
CA GLU A 133 8.96 -7.39 31.84
C GLU A 133 7.86 -8.35 32.29
N HIS A 134 6.62 -7.87 32.22
CA HIS A 134 5.48 -8.72 32.55
C HIS A 134 5.21 -9.71 31.41
N LEU A 135 5.43 -9.18 30.18
CA LEU A 135 5.22 -9.98 28.98
C LEU A 135 6.18 -11.17 28.98
N ALA A 136 7.33 -11.06 29.62
CA ALA A 136 8.33 -12.08 29.72
C ALA A 136 7.93 -13.22 30.65
N HIS A 137 6.98 -13.01 31.55
CA HIS A 137 6.53 -14.15 32.34
C HIS A 137 5.35 -14.88 31.75
N TRP A 138 4.73 -14.47 30.67
CA TRP A 138 3.51 -15.08 30.16
C TRP A 138 3.65 -16.08 29.02
N ASN A 139 4.79 -16.73 28.86
CA ASN A 139 5.00 -17.72 27.81
C ASN A 139 4.79 -17.24 26.38
N PRO A 140 5.41 -16.16 25.96
CA PRO A 140 5.15 -15.54 24.67
C PRO A 140 5.86 -16.33 23.59
N VAL A 141 5.04 -16.87 22.72
CA VAL A 141 5.53 -17.81 21.71
C VAL A 141 5.69 -17.10 20.37
N LEU A 142 5.11 -15.94 20.15
CA LEU A 142 5.10 -15.32 18.84
C LEU A 142 4.65 -13.86 18.90
N LEU A 143 5.45 -13.01 18.26
CA LEU A 143 5.14 -11.60 18.11
C LEU A 143 4.91 -11.26 16.62
N ALA A 144 3.71 -10.82 16.30
CA ALA A 144 3.31 -10.44 14.97
C ALA A 144 3.25 -8.93 14.76
N VAL A 145 4.02 -8.36 13.82
CA VAL A 145 3.82 -6.90 13.68
C VAL A 145 2.90 -6.56 12.51
N ASP A 146 1.69 -6.08 12.83
CA ASP A 146 0.76 -5.74 11.76
C ASP A 146 1.08 -4.33 11.28
N GLU A 147 0.55 -3.97 10.12
CA GLU A 147 0.85 -2.63 9.59
C GLU A 147 2.34 -2.30 9.72
N ALA A 148 3.26 -3.16 9.28
CA ALA A 148 4.63 -3.03 9.70
C ALA A 148 5.42 -2.00 8.90
N HIS A 149 4.83 -1.46 7.85
CA HIS A 149 5.50 -0.38 7.13
C HIS A 149 5.49 0.87 8.02
N CYS A 150 4.57 0.99 8.98
CA CYS A 150 4.54 2.10 9.91
C CYS A 150 5.84 2.40 10.66
N ILE A 151 6.83 1.53 10.73
CA ILE A 151 8.10 1.77 11.38
C ILE A 151 9.09 2.48 10.47
N SER A 152 8.78 2.59 9.17
CA SER A 152 9.77 3.11 8.24
C SER A 152 9.49 4.57 7.92
N GLN A 153 10.53 5.39 8.03
CA GLN A 153 10.46 6.75 7.53
C GLN A 153 10.25 6.69 6.01
N TRP A 154 10.71 5.70 5.26
CA TRP A 154 10.43 5.61 3.85
C TRP A 154 9.03 5.17 3.45
N GLY A 155 8.15 4.71 4.33
CA GLY A 155 6.81 4.36 3.85
C GLY A 155 5.93 5.61 3.78
N HIS A 156 4.63 5.33 3.61
CA HIS A 156 3.68 6.42 3.48
C HIS A 156 2.98 6.64 4.81
N ASP A 157 3.40 5.98 5.90
CA ASP A 157 2.63 6.21 7.13
C ASP A 157 3.40 5.94 8.41
N PHE A 158 4.57 6.59 8.48
CA PHE A 158 5.47 6.47 9.57
C PHE A 158 4.79 6.93 10.86
N ARG A 159 4.88 6.04 11.83
CA ARG A 159 4.32 6.38 13.14
C ARG A 159 5.47 6.21 14.14
N PRO A 160 5.65 7.26 14.92
CA PRO A 160 6.79 7.43 15.82
C PRO A 160 6.83 6.39 16.91
N GLU A 161 5.70 5.90 17.37
CA GLU A 161 5.51 4.90 18.38
C GLU A 161 5.85 3.46 18.02
N TYR A 162 5.99 3.14 16.74
CA TYR A 162 6.43 1.87 16.26
C TYR A 162 7.95 1.88 16.38
N ALA A 163 8.51 3.09 16.27
CA ALA A 163 9.97 3.20 16.42
C ALA A 163 10.51 2.27 17.50
N ALA A 164 9.99 2.39 18.73
CA ALA A 164 10.41 1.64 19.89
C ALA A 164 10.24 0.13 19.84
N LEU A 165 9.48 -0.40 18.90
CA LEU A 165 9.44 -1.78 18.50
C LEU A 165 10.80 -2.31 18.06
N GLY A 166 11.80 -1.48 17.77
CA GLY A 166 13.12 -2.03 17.44
C GLY A 166 13.86 -2.51 18.70
N GLN A 167 13.23 -2.33 19.86
CA GLN A 167 13.93 -2.77 21.07
C GLN A 167 13.60 -4.22 21.39
N LEU A 168 12.50 -4.77 20.86
CA LEU A 168 12.02 -6.07 21.23
C LEU A 168 12.93 -7.25 20.86
N ARG A 169 13.57 -7.15 19.70
CA ARG A 169 14.38 -8.25 19.21
C ARG A 169 15.49 -8.47 20.23
N GLN A 170 16.17 -7.38 20.59
CA GLN A 170 17.21 -7.32 21.58
C GLN A 170 16.77 -7.87 22.95
N ARG A 171 15.62 -7.37 23.39
CA ARG A 171 15.06 -7.93 24.61
C ARG A 171 14.68 -9.40 24.46
N PHE A 172 14.13 -9.82 23.34
CA PHE A 172 13.59 -11.17 23.21
C PHE A 172 14.25 -11.96 22.08
N PRO A 173 15.43 -12.48 22.37
CA PRO A 173 16.30 -13.06 21.36
C PRO A 173 15.82 -14.39 20.87
N THR A 174 15.06 -15.15 21.63
CA THR A 174 14.50 -16.38 21.05
C THR A 174 13.06 -16.22 20.59
N LEU A 175 12.46 -15.02 20.66
CA LEU A 175 11.08 -14.81 20.26
C LEU A 175 10.92 -14.61 18.75
N PRO A 176 10.38 -15.61 18.09
CA PRO A 176 10.10 -15.50 16.66
C PRO A 176 9.19 -14.31 16.35
N PHE A 177 9.49 -13.58 15.26
CA PHE A 177 8.73 -12.42 14.85
C PHE A 177 8.18 -12.61 13.42
N MET A 178 7.04 -11.97 13.20
CA MET A 178 6.51 -11.88 11.85
C MET A 178 6.12 -10.39 11.68
N ALA A 179 6.29 -9.85 10.50
CA ALA A 179 6.05 -8.45 10.15
C ALA A 179 5.02 -8.53 9.05
N LEU A 180 3.81 -8.01 9.14
CA LEU A 180 2.84 -8.12 8.06
C LEU A 180 2.50 -6.77 7.44
N THR A 181 2.32 -6.67 6.13
CA THR A 181 1.92 -5.43 5.50
C THR A 181 1.27 -5.63 4.13
N ALA A 182 0.39 -4.71 3.73
CA ALA A 182 -0.25 -4.85 2.43
C ALA A 182 0.29 -3.75 1.51
N THR A 183 1.02 -2.82 2.15
CA THR A 183 1.44 -1.70 1.32
C THR A 183 2.87 -1.28 1.45
N ALA A 184 3.82 -1.94 0.84
CA ALA A 184 5.17 -1.39 1.02
C ALA A 184 6.09 -1.75 -0.12
N ASP A 185 6.59 -0.65 -0.74
CA ASP A 185 7.50 -0.85 -1.87
C ASP A 185 8.82 -1.46 -1.39
N ASP A 186 9.77 -1.62 -2.27
CA ASP A 186 11.03 -2.28 -1.99
C ASP A 186 11.81 -1.61 -0.87
N THR A 187 12.07 -0.33 -0.93
CA THR A 187 12.81 0.39 0.10
C THR A 187 12.28 0.02 1.49
N THR A 188 10.98 0.21 1.66
CA THR A 188 10.20 0.04 2.86
C THR A 188 10.21 -1.41 3.35
N ARG A 189 10.13 -2.36 2.43
CA ARG A 189 10.14 -3.78 2.75
C ARG A 189 11.51 -4.05 3.40
N GLN A 190 12.54 -3.64 2.66
CA GLN A 190 13.91 -3.70 3.12
C GLN A 190 14.07 -3.02 4.48
N ASP A 191 13.53 -1.83 4.64
CA ASP A 191 13.64 -1.14 5.93
C ASP A 191 12.90 -1.88 7.04
N ILE A 192 11.74 -2.49 6.75
CA ILE A 192 11.01 -3.14 7.82
C ILE A 192 11.91 -4.15 8.52
N VAL A 193 12.53 -4.97 7.69
CA VAL A 193 13.34 -6.10 8.05
C VAL A 193 14.56 -5.69 8.86
N ARG A 194 15.20 -4.65 8.38
CA ARG A 194 16.32 -4.08 9.12
C ARG A 194 15.83 -3.63 10.49
N LEU A 195 14.75 -2.84 10.55
CA LEU A 195 14.47 -2.17 11.83
C LEU A 195 13.91 -3.11 12.88
N LEU A 196 13.19 -4.17 12.48
CA LEU A 196 12.61 -5.03 13.49
C LEU A 196 13.64 -6.06 13.88
N GLY A 197 14.68 -6.17 13.07
CA GLY A 197 15.73 -7.16 13.30
C GLY A 197 15.14 -8.55 13.11
N LEU A 198 14.54 -8.74 11.95
CA LEU A 198 14.03 -10.04 11.58
C LEU A 198 15.27 -10.90 11.32
N ASN A 199 15.29 -12.12 11.85
CA ASN A 199 16.49 -12.94 11.67
C ASN A 199 16.41 -13.81 10.44
N ASP A 200 17.12 -13.45 9.37
CA ASP A 200 17.04 -14.22 8.12
C ASP A 200 15.63 -14.73 7.92
N PRO A 201 14.73 -13.82 7.70
CA PRO A 201 13.33 -14.17 7.63
C PRO A 201 13.01 -14.67 6.25
N LEU A 202 11.92 -15.41 6.19
CA LEU A 202 11.32 -15.73 4.91
C LEU A 202 10.62 -14.43 4.48
N ILE A 203 11.04 -13.88 3.35
CA ILE A 203 10.34 -12.77 2.74
C ILE A 203 9.44 -13.30 1.60
N GLN A 204 8.16 -13.42 1.81
CA GLN A 204 7.13 -13.75 0.84
C GLN A 204 6.36 -12.50 0.38
N ILE A 205 6.44 -12.20 -0.91
CA ILE A 205 5.80 -10.98 -1.42
C ILE A 205 4.68 -11.33 -2.37
N SER A 206 3.42 -11.46 -1.94
CA SER A 206 2.43 -11.81 -2.95
C SER A 206 2.45 -10.72 -4.05
N SER A 207 1.59 -10.97 -5.04
CA SER A 207 1.51 -10.14 -6.22
C SER A 207 0.74 -8.93 -5.74
N PHE A 208 0.83 -7.80 -6.42
CA PHE A 208 -0.06 -6.76 -5.94
C PHE A 208 -1.24 -6.72 -6.88
N ASP A 209 -1.27 -7.50 -7.95
CA ASP A 209 -2.41 -7.29 -8.83
C ASP A 209 -3.68 -7.70 -8.11
N ARG A 210 -4.68 -6.85 -8.08
CA ARG A 210 -6.08 -7.29 -8.01
C ARG A 210 -6.62 -7.29 -9.43
N PRO A 211 -6.63 -8.32 -10.25
CA PRO A 211 -7.06 -8.30 -11.64
C PRO A 211 -8.52 -7.97 -11.92
N ASN A 212 -9.41 -8.17 -10.96
CA ASN A 212 -10.80 -7.81 -11.13
C ASN A 212 -11.03 -6.32 -10.92
N ILE A 213 -10.04 -5.56 -10.45
CA ILE A 213 -10.31 -4.11 -10.45
C ILE A 213 -9.86 -3.45 -11.76
N ARG A 214 -10.75 -2.69 -12.42
CA ARG A 214 -10.35 -1.89 -13.61
C ARG A 214 -9.97 -0.46 -13.20
N TYR A 215 -8.75 0.00 -13.53
CA TYR A 215 -8.39 1.34 -13.14
C TYR A 215 -8.72 2.40 -14.19
N MET A 216 -9.45 3.45 -13.82
CA MET A 216 -9.84 4.52 -14.67
C MET A 216 -9.52 5.90 -14.16
N LEU A 217 -9.46 6.86 -15.10
CA LEU A 217 -9.30 8.26 -14.67
C LEU A 217 -10.22 9.15 -15.48
N MET A 218 -10.64 10.27 -14.95
CA MET A 218 -11.48 11.17 -15.77
C MET A 218 -10.95 12.58 -15.59
N GLU A 219 -10.76 13.33 -16.66
CA GLU A 219 -10.17 14.65 -16.41
C GLU A 219 -11.31 15.57 -15.97
N LYS A 220 -11.15 16.24 -14.86
CA LYS A 220 -12.19 17.02 -14.25
C LYS A 220 -12.64 18.10 -15.23
N PHE A 221 -13.89 18.47 -15.03
CA PHE A 221 -14.52 19.37 -15.98
C PHE A 221 -16.00 19.39 -15.64
N LYS A 222 -16.35 20.36 -14.80
CA LYS A 222 -17.69 20.38 -14.20
C LYS A 222 -17.79 19.07 -13.44
N PRO A 223 -16.84 18.88 -12.54
CA PRO A 223 -16.64 17.62 -11.85
C PRO A 223 -17.84 17.11 -11.10
N LEU A 224 -18.56 18.01 -10.44
CA LEU A 224 -19.78 17.61 -9.73
C LEU A 224 -20.75 17.01 -10.74
N ASP A 225 -20.89 17.58 -11.95
CA ASP A 225 -21.81 16.94 -12.88
C ASP A 225 -21.21 15.59 -13.29
N GLN A 226 -19.89 15.57 -13.54
CA GLN A 226 -19.21 14.36 -13.88
C GLN A 226 -19.39 13.35 -12.76
N LEU A 227 -19.31 13.77 -11.50
CA LEU A 227 -19.47 12.76 -10.46
C LEU A 227 -20.89 12.23 -10.41
N MET A 228 -21.94 13.04 -10.49
CA MET A 228 -23.32 12.58 -10.62
C MET A 228 -23.56 11.73 -11.88
N ARG A 229 -23.05 12.08 -13.04
CA ARG A 229 -23.30 11.20 -14.19
C ARG A 229 -22.61 9.85 -14.06
N TYR A 230 -21.36 9.80 -13.61
CA TYR A 230 -20.63 8.62 -13.26
C TYR A 230 -21.50 7.71 -12.39
N VAL A 231 -22.03 8.18 -11.27
CA VAL A 231 -22.80 7.39 -10.33
C VAL A 231 -24.08 6.82 -10.97
N GLN A 232 -24.87 7.67 -11.55
CA GLN A 232 -25.95 7.28 -12.45
C GLN A 232 -25.48 6.13 -13.35
N GLU A 233 -24.37 6.26 -14.10
CA GLU A 233 -24.04 5.18 -15.02
C GLU A 233 -23.68 3.87 -14.32
N GLN A 234 -23.41 3.89 -13.01
CA GLN A 234 -23.25 2.69 -12.22
C GLN A 234 -24.53 1.87 -12.07
N ARG A 235 -25.69 2.46 -12.40
CA ARG A 235 -26.98 1.83 -12.40
C ARG A 235 -27.27 0.95 -11.20
N GLY A 236 -27.08 1.45 -9.99
CA GLY A 236 -27.34 0.84 -8.73
C GLY A 236 -26.24 0.11 -8.00
N LYS A 237 -25.15 -0.29 -8.64
CA LYS A 237 -24.01 -0.90 -8.01
C LYS A 237 -23.46 -0.09 -6.82
N SER A 238 -22.98 -0.82 -5.84
CA SER A 238 -22.51 -0.33 -4.58
C SER A 238 -21.19 0.41 -4.74
N GLY A 239 -21.02 1.43 -3.86
CA GLY A 239 -19.79 2.20 -4.00
C GLY A 239 -19.40 3.01 -2.78
N ILE A 240 -18.12 3.39 -2.86
CA ILE A 240 -17.50 4.31 -1.95
C ILE A 240 -16.98 5.47 -2.81
N ILE A 241 -17.21 6.68 -2.31
CA ILE A 241 -16.68 7.88 -2.93
C ILE A 241 -15.86 8.59 -1.86
N TYR A 242 -14.63 8.83 -2.10
CA TYR A 242 -13.67 9.41 -1.22
C TYR A 242 -13.49 10.89 -1.52
N CYS A 243 -13.61 11.73 -0.51
CA CYS A 243 -13.41 13.16 -0.67
C CYS A 243 -12.46 13.60 0.43
N ASN A 244 -11.81 14.72 0.22
CA ASN A 244 -10.79 15.14 1.21
C ASN A 244 -11.35 16.14 2.21
N SER A 245 -12.67 16.36 2.16
CA SER A 245 -13.21 17.26 3.18
C SER A 245 -14.61 16.79 3.60
N ARG A 246 -14.89 17.05 4.87
CA ARG A 246 -16.14 16.81 5.51
C ARG A 246 -17.23 17.59 4.78
N ALA A 247 -17.01 18.81 4.28
CA ALA A 247 -18.13 19.41 3.53
C ALA A 247 -18.29 18.78 2.15
N LYS A 248 -17.19 18.28 1.52
CA LYS A 248 -17.40 17.59 0.25
C LYS A 248 -18.21 16.32 0.46
N VAL A 249 -17.89 15.53 1.45
CA VAL A 249 -18.60 14.33 1.86
C VAL A 249 -20.07 14.67 2.06
N GLU A 250 -20.28 15.54 3.07
CA GLU A 250 -21.62 15.97 3.46
C GLU A 250 -22.40 16.51 2.26
N ASP A 251 -21.84 17.49 1.53
CA ASP A 251 -22.54 17.99 0.35
C ASP A 251 -22.80 16.93 -0.72
N THR A 252 -21.82 16.04 -0.99
CA THR A 252 -22.08 15.10 -2.08
C THR A 252 -23.19 14.11 -1.72
N ALA A 253 -23.20 13.75 -0.44
CA ALA A 253 -24.13 12.82 0.11
C ALA A 253 -25.53 13.39 -0.08
N ALA A 254 -25.71 14.64 0.32
CA ALA A 254 -26.99 15.32 0.13
C ALA A 254 -27.37 15.35 -1.33
N ARG A 255 -26.52 15.77 -2.27
CA ARG A 255 -26.93 15.77 -3.69
C ARG A 255 -27.39 14.41 -4.18
N LEU A 256 -26.66 13.35 -3.85
CA LEU A 256 -27.08 12.00 -4.25
C LEU A 256 -28.45 11.64 -3.72
N GLN A 257 -28.63 11.86 -2.43
CA GLN A 257 -29.85 11.70 -1.67
C GLN A 257 -31.04 12.33 -2.40
N SER A 258 -30.84 13.57 -2.82
CA SER A 258 -31.74 14.36 -3.61
C SER A 258 -32.06 13.74 -4.96
N LYS A 259 -31.23 12.85 -5.51
CA LYS A 259 -31.63 12.21 -6.76
C LYS A 259 -32.16 10.80 -6.58
N GLY A 260 -32.54 10.44 -5.35
CA GLY A 260 -33.09 9.12 -5.10
C GLY A 260 -32.03 8.03 -4.92
N ILE A 261 -30.76 8.42 -4.76
CA ILE A 261 -29.75 7.40 -4.50
C ILE A 261 -29.53 7.22 -3.01
N SER A 262 -29.65 6.03 -2.52
CA SER A 262 -29.48 5.73 -1.11
C SER A 262 -28.00 5.87 -0.76
N ALA A 263 -27.61 7.06 -0.27
CA ALA A 263 -26.22 7.38 -0.04
C ALA A 263 -26.03 7.97 1.34
N ALA A 264 -25.05 7.57 2.16
CA ALA A 264 -24.79 8.25 3.39
C ALA A 264 -23.33 8.76 3.50
N ALA A 265 -23.16 9.65 4.46
CA ALA A 265 -21.93 10.32 4.79
C ALA A 265 -21.12 9.60 5.84
N TYR A 266 -19.81 9.55 5.72
CA TYR A 266 -19.02 8.96 6.77
C TYR A 266 -17.80 9.83 6.96
N HIS A 267 -17.53 10.14 8.21
CA HIS A 267 -16.35 10.85 8.67
C HIS A 267 -16.23 10.87 10.19
N ALA A 268 -15.09 11.25 10.72
CA ALA A 268 -14.74 11.42 12.12
C ALA A 268 -15.73 12.23 12.95
N GLY A 269 -16.43 13.18 12.40
CA GLY A 269 -17.35 14.00 13.15
C GLY A 269 -18.74 13.42 13.33
N LEU A 270 -18.91 12.14 13.05
CA LEU A 270 -20.09 11.37 13.29
C LEU A 270 -19.86 10.68 14.66
N GLU A 271 -20.99 10.40 15.31
CA GLU A 271 -20.93 9.78 16.63
C GLU A 271 -20.68 8.28 16.46
N ASN A 272 -20.01 7.68 17.44
CA ASN A 272 -19.69 6.26 17.34
C ASN A 272 -20.90 5.41 17.02
N ASN A 273 -22.07 5.58 17.63
CA ASN A 273 -23.19 4.78 17.12
C ASN A 273 -23.64 5.16 15.72
N VAL A 274 -23.29 6.33 15.18
CA VAL A 274 -23.77 6.67 13.82
C VAL A 274 -22.88 6.06 12.76
N ARG A 275 -21.56 6.09 12.93
CA ARG A 275 -20.64 5.46 12.00
C ARG A 275 -20.95 3.98 11.82
N ALA A 276 -21.07 3.28 12.94
CA ALA A 276 -21.39 1.86 13.00
C ALA A 276 -22.74 1.54 12.38
N ASP A 277 -23.71 2.46 12.39
CA ASP A 277 -24.95 2.22 11.67
C ASP A 277 -24.71 2.29 10.19
N VAL A 278 -23.97 3.31 9.78
CA VAL A 278 -23.58 3.61 8.41
C VAL A 278 -22.89 2.38 7.85
N GLN A 279 -21.92 1.91 8.61
CA GLN A 279 -21.08 0.79 8.23
C GLN A 279 -21.87 -0.51 8.03
N GLU A 280 -22.77 -0.68 8.99
CA GLU A 280 -23.64 -1.82 9.00
C GLU A 280 -24.71 -1.76 7.90
N LYS A 281 -25.29 -0.59 7.67
CA LYS A 281 -26.23 -0.52 6.55
C LYS A 281 -25.51 -0.75 5.23
N PHE A 282 -24.24 -0.40 5.17
CA PHE A 282 -23.44 -0.54 3.98
C PHE A 282 -23.04 -2.01 3.87
N GLN A 283 -22.63 -2.60 4.97
CA GLN A 283 -22.26 -4.01 4.98
C GLN A 283 -23.39 -4.87 4.40
N ARG A 284 -24.65 -4.60 4.80
CA ARG A 284 -25.75 -5.38 4.28
C ARG A 284 -26.35 -4.92 2.96
N ASP A 285 -25.86 -3.90 2.31
CA ASP A 285 -26.46 -3.38 1.09
C ASP A 285 -27.84 -2.79 1.29
N ASP A 286 -28.01 -2.10 2.42
CA ASP A 286 -29.15 -1.19 2.63
C ASP A 286 -28.85 0.15 1.99
N LEU A 287 -27.54 0.48 2.00
CA LEU A 287 -27.08 1.68 1.37
C LEU A 287 -26.32 1.20 0.12
N GLN A 288 -26.53 1.95 -0.94
CA GLN A 288 -25.78 1.77 -2.15
C GLN A 288 -24.40 2.39 -1.89
N ILE A 289 -24.47 3.67 -1.42
CA ILE A 289 -23.26 4.48 -1.39
C ILE A 289 -22.88 5.16 -0.09
N VAL A 290 -21.56 5.00 0.23
CA VAL A 290 -20.93 5.70 1.33
C VAL A 290 -20.00 6.79 0.85
N VAL A 291 -20.20 8.05 1.16
CA VAL A 291 -19.34 9.16 0.79
C VAL A 291 -18.49 9.41 2.03
N ALA A 292 -17.17 9.40 1.85
CA ALA A 292 -16.31 9.46 3.00
C ALA A 292 -14.95 10.13 2.84
N THR A 293 -14.50 10.39 4.07
CA THR A 293 -13.14 10.88 4.19
C THR A 293 -12.33 9.58 4.32
N VAL A 294 -11.05 9.66 4.55
CA VAL A 294 -10.15 8.54 4.67
C VAL A 294 -10.40 7.50 5.72
N ALA A 295 -11.36 7.58 6.62
CA ALA A 295 -11.80 6.38 7.34
C ALA A 295 -12.73 5.54 6.46
N ILE A 300 -14.92 -0.53 5.01
CA ILE A 300 -15.63 -1.22 6.09
C ILE A 300 -15.42 -2.71 5.93
N ASN A 301 -14.50 -3.01 5.01
CA ASN A 301 -14.17 -4.39 4.69
C ASN A 301 -15.41 -5.18 4.30
N LYS A 302 -16.11 -4.68 3.31
CA LYS A 302 -17.29 -5.29 2.73
C LYS A 302 -16.72 -6.04 1.54
N PRO A 303 -17.02 -7.29 1.29
CA PRO A 303 -16.50 -8.05 0.19
C PRO A 303 -17.00 -7.67 -1.19
N ASN A 304 -18.19 -7.08 -1.22
CA ASN A 304 -18.84 -6.70 -2.44
C ASN A 304 -19.01 -5.19 -2.60
N VAL A 305 -17.95 -4.41 -2.67
CA VAL A 305 -17.98 -3.00 -3.09
C VAL A 305 -17.69 -2.94 -4.59
N ARG A 306 -18.57 -2.34 -5.36
CA ARG A 306 -18.36 -2.45 -6.81
C ARG A 306 -17.51 -1.34 -7.37
N PHE A 307 -17.58 -0.15 -6.75
CA PHE A 307 -16.78 0.91 -7.34
C PHE A 307 -16.20 1.80 -6.25
N VAL A 308 -15.00 2.33 -6.46
CA VAL A 308 -14.37 3.23 -5.51
C VAL A 308 -14.08 4.47 -6.34
N VAL A 309 -14.53 5.62 -5.89
CA VAL A 309 -14.22 6.83 -6.65
C VAL A 309 -13.27 7.72 -5.86
N HIS A 310 -12.21 8.28 -6.42
CA HIS A 310 -11.43 9.25 -5.64
C HIS A 310 -11.87 10.58 -6.25
N PHE A 311 -12.51 11.46 -5.47
CA PHE A 311 -12.89 12.72 -6.08
C PHE A 311 -11.67 13.64 -6.09
N ASP A 312 -10.75 13.47 -5.16
CA ASP A 312 -9.55 14.29 -5.07
C ASP A 312 -8.38 13.31 -5.12
N ILE A 313 -7.20 13.63 -5.66
CA ILE A 313 -6.10 12.67 -5.72
C ILE A 313 -5.33 12.56 -4.43
N PRO A 314 -5.05 11.33 -4.02
CA PRO A 314 -4.27 11.02 -2.81
C PRO A 314 -2.86 11.54 -2.89
N ARG A 315 -2.08 11.57 -1.80
CA ARG A 315 -0.75 12.17 -1.81
C ARG A 315 0.33 11.16 -2.19
N ASN A 316 -0.06 9.90 -2.22
CA ASN A 316 0.84 8.83 -2.62
C ASN A 316 0.11 7.63 -3.21
N ILE A 317 0.84 6.84 -3.97
CA ILE A 317 0.37 5.57 -4.54
C ILE A 317 -0.07 4.50 -3.54
N GLU A 318 0.64 4.27 -2.45
CA GLU A 318 0.31 3.46 -1.32
C GLU A 318 -1.10 3.72 -0.78
N SER A 319 -1.42 5.00 -0.54
CA SER A 319 -2.78 5.38 -0.17
C SER A 319 -3.75 5.09 -1.33
N TYR A 320 -3.30 5.44 -2.55
CA TYR A 320 -4.25 5.20 -3.63
C TYR A 320 -4.56 3.70 -3.73
N TYR A 321 -3.59 2.82 -3.55
CA TYR A 321 -3.75 1.38 -3.60
C TYR A 321 -4.57 0.79 -2.48
N GLN A 322 -4.38 1.24 -1.22
CA GLN A 322 -5.19 0.70 -0.14
C GLN A 322 -6.63 1.15 -0.29
N GLU A 323 -6.86 2.40 -0.60
CA GLU A 323 -8.20 2.95 -0.80
C GLU A 323 -8.94 2.34 -1.96
N THR A 324 -8.44 2.20 -3.18
CA THR A 324 -9.11 1.54 -4.27
C THR A 324 -9.18 0.04 -3.97
N GLY A 325 -8.19 -0.44 -3.19
CA GLY A 325 -8.21 -1.86 -2.84
C GLY A 325 -9.44 -2.36 -2.06
N ARG A 326 -10.23 -1.44 -1.53
CA ARG A 326 -11.50 -1.76 -0.95
C ARG A 326 -12.52 -2.25 -1.94
N ALA A 327 -12.39 -2.08 -3.24
CA ALA A 327 -13.49 -2.56 -4.08
C ALA A 327 -13.19 -4.01 -4.44
N GLY A 328 -14.21 -4.81 -4.66
CA GLY A 328 -14.11 -6.10 -5.30
C GLY A 328 -13.34 -7.20 -4.59
N ARG A 329 -13.46 -7.19 -3.27
CA ARG A 329 -12.82 -8.16 -2.41
C ARG A 329 -13.41 -9.56 -2.57
N ASP A 330 -14.59 -9.65 -3.15
CA ASP A 330 -15.22 -10.87 -3.55
C ASP A 330 -14.62 -11.44 -4.84
N GLY A 331 -13.72 -10.70 -5.50
CA GLY A 331 -13.11 -11.18 -6.75
C GLY A 331 -13.92 -10.89 -7.97
N LEU A 332 -15.14 -10.39 -7.91
CA LEU A 332 -15.96 -10.06 -9.05
C LEU A 332 -15.51 -8.72 -9.58
N PRO A 333 -15.90 -8.42 -10.81
CA PRO A 333 -15.42 -7.25 -11.52
C PRO A 333 -15.73 -5.93 -10.82
N ALA A 334 -14.71 -5.09 -10.56
CA ALA A 334 -14.96 -3.81 -9.91
C ALA A 334 -14.18 -2.71 -10.64
N GLU A 335 -14.35 -1.51 -10.10
CA GLU A 335 -13.76 -0.38 -10.77
C GLU A 335 -13.36 0.69 -9.78
N ALA A 336 -12.25 1.34 -10.19
CA ALA A 336 -11.76 2.48 -9.45
C ALA A 336 -11.78 3.66 -10.40
N MET A 337 -12.35 4.80 -10.08
CA MET A 337 -12.25 5.94 -11.01
C MET A 337 -11.61 7.13 -10.32
N LEU A 338 -10.51 7.71 -10.82
CA LEU A 338 -9.94 8.89 -10.11
C LEU A 338 -10.29 10.14 -10.91
N PHE A 339 -10.89 11.16 -10.30
CA PHE A 339 -11.20 12.39 -11.02
C PHE A 339 -9.99 13.30 -10.77
N TYR A 340 -9.32 13.70 -11.81
CA TYR A 340 -8.10 14.45 -11.74
C TYR A 340 -8.11 15.64 -12.65
N ASP A 341 -7.36 16.59 -12.20
CA ASP A 341 -7.00 17.83 -12.82
C ASP A 341 -5.58 18.15 -12.45
N PRO A 342 -4.77 18.43 -13.44
CA PRO A 342 -3.41 18.94 -13.24
C PRO A 342 -3.26 20.14 -12.31
N ALA A 343 -4.25 21.03 -12.23
CA ALA A 343 -4.23 22.02 -11.17
C ALA A 343 -4.25 21.41 -9.76
N ASP A 344 -4.93 20.28 -9.54
CA ASP A 344 -4.98 19.65 -8.23
C ASP A 344 -3.54 19.28 -7.87
N MET A 345 -2.73 18.78 -8.81
CA MET A 345 -1.38 18.46 -8.38
C MET A 345 -0.56 19.73 -8.18
N ALA A 346 -0.84 20.85 -8.83
CA ALA A 346 -0.07 22.05 -8.52
C ALA A 346 -0.37 22.59 -7.12
N TRP A 347 -1.56 22.37 -6.59
CA TRP A 347 -1.96 22.78 -5.27
C TRP A 347 -1.09 22.06 -4.26
N LEU A 348 -1.31 20.74 -4.25
CA LEU A 348 -0.54 19.88 -3.37
C LEU A 348 0.92 20.25 -3.45
N ARG A 349 1.52 20.50 -4.59
CA ARG A 349 2.94 20.81 -4.64
C ARG A 349 3.28 22.09 -3.89
N ARG A 350 2.43 23.09 -4.09
CA ARG A 350 2.51 24.39 -3.43
C ARG A 350 2.41 24.12 -1.94
N CYS A 351 1.32 23.46 -1.54
CA CYS A 351 1.14 23.15 -0.13
C CYS A 351 2.44 22.59 0.41
N LEU A 352 2.94 21.50 -0.17
CA LEU A 352 4.10 20.80 0.32
C LEU A 352 5.41 21.57 0.32
N GLU A 353 5.64 22.40 -0.68
CA GLU A 353 6.96 23.03 -0.82
C GLU A 353 7.22 24.17 0.14
N GLU A 354 6.28 24.49 1.03
CA GLU A 354 6.49 25.43 2.11
C GLU A 354 6.24 24.75 3.45
N LYS A 355 6.43 23.44 3.49
CA LYS A 355 6.45 22.72 4.77
C LYS A 355 7.97 22.74 5.01
N PRO A 356 8.42 22.55 6.22
CA PRO A 356 9.84 22.56 6.53
C PRO A 356 10.72 21.70 5.65
N GLN A 357 11.64 22.33 4.93
CA GLN A 357 12.60 21.62 4.10
C GLN A 357 13.30 20.53 4.90
N GLY A 358 13.87 19.57 4.19
CA GLY A 358 14.58 18.46 4.77
C GLY A 358 14.22 17.09 4.26
N GLN A 359 14.61 16.09 5.02
CA GLN A 359 14.43 14.67 4.75
C GLN A 359 12.98 14.30 4.49
N LEU A 360 12.12 14.65 5.44
CA LEU A 360 10.69 14.37 5.37
C LEU A 360 9.96 14.98 4.19
N GLN A 361 10.32 16.19 3.81
CA GLN A 361 9.70 16.87 2.69
C GLN A 361 10.07 16.21 1.36
N ASP A 362 11.33 15.80 1.22
CA ASP A 362 11.81 14.97 0.14
C ASP A 362 11.05 13.66 -0.03
N ILE A 363 10.93 12.92 1.09
CA ILE A 363 10.23 11.64 1.01
C ILE A 363 8.84 11.93 0.51
N GLU A 364 8.27 12.99 1.05
CA GLU A 364 6.95 13.43 0.63
C GLU A 364 7.02 13.92 -0.82
N ARG A 365 8.07 14.58 -1.28
CA ARG A 365 7.98 15.13 -2.62
C ARG A 365 8.11 14.03 -3.66
N HIS A 366 9.02 13.08 -3.45
CA HIS A 366 9.14 11.91 -4.32
C HIS A 366 7.80 11.18 -4.45
N LYS A 367 7.14 10.87 -3.35
CA LYS A 367 5.88 10.14 -3.33
C LYS A 367 4.73 10.90 -3.96
N LEU A 368 4.74 12.22 -3.85
CA LEU A 368 3.72 13.02 -4.49
C LEU A 368 3.94 12.93 -6.00
N ASN A 369 5.20 13.11 -6.36
CA ASN A 369 5.57 13.16 -7.76
C ASN A 369 5.21 11.87 -8.44
N ALA A 370 5.39 10.73 -7.77
CA ALA A 370 5.07 9.46 -8.39
C ALA A 370 3.56 9.31 -8.49
N MET A 371 2.80 9.93 -7.63
CA MET A 371 1.35 9.89 -7.67
C MET A 371 0.91 10.73 -8.87
N GLY A 372 1.60 11.85 -9.06
CA GLY A 372 1.36 12.81 -10.07
C GLY A 372 1.68 12.15 -11.39
N ALA A 373 2.67 11.29 -11.48
CA ALA A 373 3.11 10.67 -12.72
C ALA A 373 2.18 9.52 -13.03
N PHE A 374 1.53 8.98 -12.03
CA PHE A 374 0.59 7.90 -12.33
C PHE A 374 -0.61 8.55 -13.05
N ALA A 375 -1.03 9.69 -12.53
CA ALA A 375 -2.19 10.40 -13.05
C ALA A 375 -1.94 10.88 -14.48
N GLU A 376 -0.72 11.29 -14.79
CA GLU A 376 -0.44 11.77 -16.13
C GLU A 376 0.19 10.65 -16.96
N ALA A 377 0.02 9.41 -16.57
CA ALA A 377 0.58 8.27 -17.27
C ALA A 377 0.22 8.11 -18.74
N GLN A 378 1.19 7.54 -19.47
CA GLN A 378 0.85 7.22 -20.88
C GLN A 378 1.01 5.71 -21.04
N THR A 379 1.06 5.08 -19.87
CA THR A 379 1.30 3.65 -19.81
C THR A 379 0.26 2.98 -18.95
N CYS A 380 0.02 1.70 -19.21
CA CYS A 380 -0.92 0.90 -18.48
C CYS A 380 -0.94 1.25 -17.01
N ARG A 381 -2.11 1.65 -16.49
CA ARG A 381 -2.26 2.03 -15.07
C ARG A 381 -1.90 0.91 -14.09
N ARG A 382 -2.15 -0.34 -14.40
CA ARG A 382 -1.73 -1.46 -13.63
C ARG A 382 -0.22 -1.65 -13.65
N LEU A 383 0.45 -1.38 -14.77
CA LEU A 383 1.91 -1.52 -14.74
C LEU A 383 2.53 -0.45 -13.84
N VAL A 384 1.98 0.78 -13.81
CA VAL A 384 2.47 1.82 -12.97
C VAL A 384 2.46 1.33 -11.54
N LEU A 385 1.32 0.89 -11.07
CA LEU A 385 1.14 0.38 -9.73
C LEU A 385 2.02 -0.84 -9.51
N LEU A 386 2.14 -1.83 -10.39
CA LEU A 386 2.94 -2.96 -9.94
C LEU A 386 4.42 -2.59 -9.91
N ASN A 387 4.88 -1.71 -10.83
CA ASN A 387 6.36 -1.52 -10.92
C ASN A 387 6.76 -0.48 -9.86
N TYR A 388 5.68 0.16 -9.34
CA TYR A 388 5.98 1.01 -8.20
C TYR A 388 6.20 0.11 -6.99
N PHE A 389 5.45 -1.02 -6.88
CA PHE A 389 5.78 -1.89 -5.78
C PHE A 389 6.97 -2.79 -6.07
N GLY A 390 7.63 -2.78 -7.24
CA GLY A 390 8.80 -3.65 -7.42
C GLY A 390 8.42 -4.96 -8.05
N GLU A 391 7.20 -5.20 -8.47
CA GLU A 391 6.68 -6.41 -9.07
C GLU A 391 6.77 -6.15 -10.56
N GLY A 392 7.98 -6.25 -11.10
CA GLY A 392 8.32 -5.79 -12.43
C GLY A 392 7.70 -6.54 -13.58
N ARG A 393 6.83 -5.87 -14.32
CA ARG A 393 5.98 -6.45 -15.33
C ARG A 393 5.90 -5.44 -16.45
N GLN A 394 5.89 -5.96 -17.67
CA GLN A 394 5.80 -5.21 -18.89
C GLN A 394 4.56 -5.47 -19.74
N GLU A 395 3.81 -6.53 -19.58
CA GLU A 395 2.56 -6.82 -20.27
C GLU A 395 1.38 -5.98 -19.83
N PRO A 396 0.77 -5.24 -20.74
CA PRO A 396 -0.35 -4.36 -20.41
C PRO A 396 -1.51 -5.21 -19.94
N CYS A 397 -2.31 -4.64 -19.05
CA CYS A 397 -3.35 -5.44 -18.43
C CYS A 397 -4.50 -5.63 -19.39
N GLY A 398 -4.87 -4.68 -20.22
CA GLY A 398 -6.12 -4.79 -20.93
C GLY A 398 -7.40 -4.43 -20.15
N ASN A 399 -7.25 -3.92 -18.92
CA ASN A 399 -8.41 -3.60 -18.09
C ASN A 399 -8.22 -2.32 -17.26
N CYS A 400 -7.81 -1.29 -17.96
CA CYS A 400 -7.59 0.04 -17.36
C CYS A 400 -7.92 1.03 -18.51
N ASP A 401 -8.08 2.31 -18.20
CA ASP A 401 -8.44 3.28 -19.23
C ASP A 401 -7.37 3.53 -20.26
N ILE A 402 -6.05 3.36 -20.03
CA ILE A 402 -5.07 3.56 -21.09
C ILE A 402 -5.12 2.36 -22.01
N CYS A 403 -5.29 1.17 -21.42
CA CYS A 403 -5.34 -0.02 -22.29
C CYS A 403 -6.63 -0.07 -23.10
N LEU A 404 -7.77 0.42 -22.61
CA LEU A 404 -8.94 0.54 -23.44
C LEU A 404 -8.78 1.54 -24.58
N ASP A 405 -7.84 2.49 -24.52
CA ASP A 405 -7.66 3.46 -25.59
C ASP A 405 -6.20 3.85 -25.72
N PRO A 406 -5.33 2.93 -26.05
CA PRO A 406 -3.89 3.14 -26.09
C PRO A 406 -3.50 4.43 -26.80
N PRO A 407 -2.50 5.09 -26.29
CA PRO A 407 -2.01 6.29 -26.96
C PRO A 407 -1.24 5.83 -28.19
N LYS A 408 -1.20 6.55 -29.28
CA LYS A 408 -0.42 6.36 -30.45
C LYS A 408 0.99 5.95 -30.07
N GLN A 409 1.45 4.89 -30.69
CA GLN A 409 2.73 4.27 -30.44
C GLN A 409 3.73 4.65 -31.51
N TYR A 410 5.03 4.48 -31.24
CA TYR A 410 6.12 4.71 -32.16
C TYR A 410 7.21 3.74 -31.73
N ASP A 411 8.17 3.45 -32.59
CA ASP A 411 9.21 2.51 -32.13
C ASP A 411 10.13 3.38 -31.27
N GLY A 412 10.23 3.12 -29.97
CA GLY A 412 11.04 3.90 -29.09
C GLY A 412 12.41 3.32 -28.80
N SER A 413 12.84 2.29 -29.53
CA SER A 413 14.10 1.62 -29.24
C SER A 413 15.28 2.56 -29.05
N THR A 414 15.47 3.41 -30.05
CA THR A 414 16.49 4.44 -29.99
C THR A 414 16.25 5.39 -28.82
N ASP A 415 15.04 5.85 -28.56
CA ASP A 415 14.89 6.79 -27.44
C ASP A 415 15.32 6.17 -26.13
N ALA A 416 14.87 4.93 -25.99
CA ALA A 416 15.14 4.19 -24.75
C ALA A 416 16.59 3.87 -24.51
N GLN A 417 17.37 3.58 -25.55
CA GLN A 417 18.77 3.25 -25.26
C GLN A 417 19.48 4.54 -24.83
N ILE A 418 19.12 5.63 -25.50
CA ILE A 418 19.68 6.93 -25.18
C ILE A 418 19.47 7.17 -23.68
N ALA A 419 18.23 6.98 -23.22
CA ALA A 419 17.88 7.31 -21.86
C ALA A 419 18.46 6.35 -20.84
N LEU A 420 18.43 5.07 -21.20
CA LEU A 420 18.97 3.98 -20.39
C LEU A 420 20.47 4.05 -20.32
N SER A 421 21.09 4.44 -21.42
CA SER A 421 22.56 4.57 -21.47
C SER A 421 23.02 5.79 -20.72
N THR A 422 22.24 6.88 -20.68
CA THR A 422 22.65 8.06 -19.87
C THR A 422 22.64 7.71 -18.38
N ILE A 423 21.55 7.17 -17.89
CA ILE A 423 21.38 6.72 -16.49
C ILE A 423 22.52 5.83 -16.04
N GLY A 424 22.80 4.79 -16.85
CA GLY A 424 23.95 3.95 -16.50
C GLY A 424 25.24 4.80 -16.53
N ARG A 425 25.42 5.64 -17.56
CA ARG A 425 26.64 6.41 -17.70
C ARG A 425 26.86 7.38 -16.58
N VAL A 426 25.79 7.94 -16.00
CA VAL A 426 26.05 8.88 -14.89
C VAL A 426 26.16 8.13 -13.59
N ASN A 427 26.34 6.82 -13.57
CA ASN A 427 26.45 5.99 -12.40
C ASN A 427 25.18 5.88 -11.57
N GLN A 428 24.02 6.05 -12.20
CA GLN A 428 22.72 5.90 -11.59
C GLN A 428 22.58 6.81 -10.37
N ARG A 429 23.25 7.93 -10.34
CA ARG A 429 23.15 8.83 -9.19
C ARG A 429 22.17 10.00 -9.34
N PHE A 430 21.62 10.28 -10.49
CA PHE A 430 20.91 11.54 -10.70
C PHE A 430 19.43 11.43 -11.02
N GLY A 431 18.67 12.39 -10.49
CA GLY A 431 17.26 12.56 -10.80
C GLY A 431 16.99 12.88 -12.28
N MET A 432 15.70 12.98 -12.53
CA MET A 432 15.12 13.05 -13.86
C MET A 432 15.59 14.29 -14.61
N GLY A 433 15.56 15.48 -14.06
CA GLY A 433 15.97 16.68 -14.75
C GLY A 433 17.42 16.72 -15.20
N TYR A 434 18.35 16.32 -14.32
CA TYR A 434 19.76 16.31 -14.67
C TYR A 434 19.95 15.37 -15.85
N VAL A 435 19.32 14.21 -15.80
CA VAL A 435 19.52 13.24 -16.88
C VAL A 435 19.07 13.84 -18.19
N VAL A 436 17.90 14.51 -18.14
CA VAL A 436 17.27 15.11 -19.28
C VAL A 436 18.11 16.26 -19.81
N GLU A 437 18.77 17.03 -18.98
CA GLU A 437 19.72 18.04 -19.43
C GLU A 437 20.92 17.42 -20.15
N VAL A 438 21.47 16.35 -19.58
CA VAL A 438 22.55 15.62 -20.26
C VAL A 438 22.04 15.10 -21.58
N ILE A 439 20.84 14.49 -21.65
CA ILE A 439 20.34 14.00 -22.96
C ILE A 439 20.23 15.15 -23.94
N ARG A 440 19.72 16.29 -23.49
CA ARG A 440 19.56 17.44 -24.39
C ARG A 440 20.83 18.27 -24.58
N GLY A 441 21.92 17.92 -23.90
CA GLY A 441 23.14 18.72 -24.05
C GLY A 441 22.99 20.16 -23.59
N ALA A 442 22.35 20.47 -22.49
CA ALA A 442 22.34 21.79 -21.92
C ALA A 442 23.75 22.28 -21.61
N ASN A 443 23.88 23.58 -21.47
CA ASN A 443 25.10 24.24 -21.05
C ASN A 443 24.97 24.45 -19.54
N ASN A 444 25.39 23.43 -18.80
CA ASN A 444 25.20 23.41 -17.34
C ASN A 444 26.56 23.22 -16.71
N GLN A 445 26.92 24.12 -15.79
CA GLN A 445 28.16 24.04 -15.03
C GLN A 445 28.37 22.69 -14.31
N ARG A 446 27.33 22.29 -13.59
CA ARG A 446 27.26 21.00 -12.94
C ARG A 446 27.62 19.91 -13.95
N ILE A 447 26.97 19.86 -15.12
CA ILE A 447 27.38 18.88 -16.11
C ILE A 447 28.87 18.94 -16.44
N ARG A 448 29.39 20.15 -16.60
CA ARG A 448 30.79 20.33 -17.00
C ARG A 448 31.67 19.91 -15.82
N ASP A 449 31.23 20.28 -14.62
CA ASP A 449 31.94 19.88 -13.39
C ASP A 449 32.07 18.37 -13.23
N TYR A 450 31.02 17.61 -13.53
CA TYR A 450 31.16 16.16 -13.54
C TYR A 450 31.71 15.65 -14.85
N GLY A 451 32.03 16.44 -15.87
CA GLY A 451 32.54 15.85 -17.13
C GLY A 451 31.48 15.08 -17.91
N HIS A 452 30.17 15.38 -17.74
CA HIS A 452 29.19 14.58 -18.47
C HIS A 452 29.01 15.09 -19.89
N ASP A 453 29.48 16.31 -20.13
CA ASP A 453 29.51 16.96 -21.41
C ASP A 453 30.46 16.23 -22.33
N LYS A 454 31.38 15.47 -21.74
CA LYS A 454 32.35 14.66 -22.46
C LYS A 454 31.68 13.37 -22.93
N LEU A 455 30.57 12.97 -22.32
CA LEU A 455 29.97 11.71 -22.73
C LEU A 455 29.42 11.78 -24.14
N LYS A 456 29.32 10.64 -24.77
CA LYS A 456 28.67 10.44 -26.06
C LYS A 456 27.16 10.55 -26.01
N VAL A 457 26.46 10.38 -24.89
CA VAL A 457 25.03 10.59 -24.85
C VAL A 457 24.75 12.11 -24.85
N TYR A 458 25.69 12.91 -24.35
CA TYR A 458 25.44 14.32 -24.13
C TYR A 458 24.95 14.97 -25.42
N GLY A 459 23.70 15.42 -25.39
CA GLY A 459 23.11 16.12 -26.51
C GLY A 459 22.62 15.28 -27.65
N MET A 460 22.60 13.94 -27.53
CA MET A 460 21.98 13.09 -28.54
C MET A 460 20.48 13.32 -28.65
N GLY A 461 19.83 13.86 -27.62
CA GLY A 461 18.40 14.08 -27.61
C GLY A 461 18.03 15.54 -27.76
N ARG A 462 18.96 16.42 -28.15
CA ARG A 462 18.64 17.84 -28.25
C ARG A 462 17.49 18.17 -29.20
N ASP A 463 17.25 17.40 -30.26
CA ASP A 463 16.27 17.68 -31.26
C ASP A 463 14.87 17.35 -30.80
N LYS A 464 14.70 16.63 -29.69
CA LYS A 464 13.41 16.41 -29.07
C LYS A 464 13.38 17.28 -27.80
N SER A 465 12.16 17.52 -27.36
CA SER A 465 11.92 18.44 -26.27
C SER A 465 12.09 17.79 -24.90
N HIS A 466 12.25 18.66 -23.93
CA HIS A 466 12.37 18.30 -22.52
C HIS A 466 11.22 17.39 -22.12
N GLU A 467 9.98 17.73 -22.57
CA GLU A 467 8.80 16.93 -22.29
C GLU A 467 8.88 15.55 -22.97
N HIS A 468 9.42 15.47 -24.17
CA HIS A 468 9.59 14.17 -24.81
C HIS A 468 10.46 13.19 -24.00
N TRP A 469 11.62 13.73 -23.58
CA TRP A 469 12.56 13.01 -22.76
C TRP A 469 11.86 12.74 -21.41
N VAL A 470 11.14 13.69 -20.81
CA VAL A 470 10.48 13.38 -19.57
C VAL A 470 9.55 12.18 -19.79
N SER A 471 8.70 12.15 -20.78
CA SER A 471 7.79 11.04 -21.02
C SER A 471 8.48 9.67 -21.23
N VAL A 472 9.52 9.66 -22.07
CA VAL A 472 10.29 8.45 -22.32
C VAL A 472 10.74 7.78 -21.04
N ILE A 473 11.48 8.54 -20.24
CA ILE A 473 11.98 7.98 -18.96
C ILE A 473 10.79 7.60 -18.08
N ARG A 474 9.74 8.40 -18.01
CA ARG A 474 8.55 8.09 -17.19
C ARG A 474 7.92 6.79 -17.69
N GLN A 475 7.91 6.53 -18.99
CA GLN A 475 7.46 5.29 -19.56
C GLN A 475 8.33 4.06 -19.22
N LEU A 476 9.64 4.34 -19.05
CA LEU A 476 10.65 3.38 -18.59
C LEU A 476 10.45 3.08 -17.11
N ILE A 477 10.18 4.09 -16.27
CA ILE A 477 9.85 3.80 -14.89
C ILE A 477 8.51 3.08 -14.87
N HIS A 478 7.48 3.55 -15.56
CA HIS A 478 6.22 2.78 -15.54
C HIS A 478 6.29 1.34 -16.04
N LEU A 479 7.27 0.98 -16.86
CA LEU A 479 7.32 -0.34 -17.46
C LEU A 479 8.24 -1.23 -16.63
N GLY A 480 8.90 -0.64 -15.60
CA GLY A 480 9.76 -1.51 -14.83
C GLY A 480 11.18 -1.62 -15.39
N LEU A 481 11.56 -0.77 -16.35
CA LEU A 481 12.97 -0.82 -16.78
C LEU A 481 13.80 0.15 -15.98
N VAL A 482 13.13 1.09 -15.27
CA VAL A 482 13.95 2.11 -14.60
C VAL A 482 13.29 2.34 -13.27
N THR A 483 13.99 2.41 -12.15
CA THR A 483 13.36 2.75 -10.88
C THR A 483 13.84 4.14 -10.45
N GLN A 484 13.12 4.81 -9.61
CA GLN A 484 13.53 6.06 -9.01
C GLN A 484 13.87 5.74 -7.55
N ASN A 485 15.11 5.91 -7.15
CA ASN A 485 15.45 5.57 -5.78
C ASN A 485 15.11 6.64 -4.76
N ILE A 486 14.18 6.38 -3.87
CA ILE A 486 13.76 7.26 -2.81
C ILE A 486 14.86 7.43 -1.76
N ALA A 487 15.65 6.41 -1.46
CA ALA A 487 16.76 6.69 -0.52
C ALA A 487 17.97 7.38 -1.13
N GLN A 488 18.02 7.63 -2.44
CA GLN A 488 19.13 8.36 -3.02
C GLN A 488 18.59 9.57 -3.74
N HIS A 489 17.66 10.27 -3.11
CA HIS A 489 17.18 11.48 -3.75
C HIS A 489 16.55 11.22 -5.10
N SER A 490 15.79 10.13 -5.25
CA SER A 490 15.10 9.83 -6.48
C SER A 490 15.93 9.55 -7.72
N ALA A 491 17.16 9.11 -7.59
CA ALA A 491 18.09 8.78 -8.63
C ALA A 491 17.51 7.69 -9.56
N LEU A 492 17.66 7.94 -10.85
CA LEU A 492 17.14 7.02 -11.86
C LEU A 492 18.00 5.76 -11.87
N GLN A 493 17.39 4.60 -11.60
CA GLN A 493 18.21 3.39 -11.58
C GLN A 493 17.64 2.29 -12.49
N LEU A 494 18.63 1.49 -12.92
CA LEU A 494 18.44 0.53 -14.00
C LEU A 494 17.97 -0.78 -13.37
N THR A 495 17.06 -1.50 -14.00
CA THR A 495 16.64 -2.75 -13.37
C THR A 495 17.16 -3.85 -14.31
N GLU A 496 16.93 -5.11 -14.00
CA GLU A 496 17.27 -6.17 -14.96
C GLU A 496 16.51 -6.13 -16.27
N ALA A 497 15.25 -5.70 -16.24
CA ALA A 497 14.48 -5.63 -17.48
C ALA A 497 15.04 -4.66 -18.51
N ALA A 498 15.87 -3.71 -18.17
CA ALA A 498 16.48 -2.83 -19.17
C ALA A 498 17.37 -3.59 -20.12
N ARG A 499 18.08 -4.62 -19.69
CA ARG A 499 19.08 -5.33 -20.42
C ARG A 499 18.87 -5.53 -21.91
N PRO A 500 17.84 -6.17 -22.40
CA PRO A 500 17.63 -6.40 -23.83
C PRO A 500 17.38 -5.15 -24.68
N VAL A 501 16.80 -4.08 -24.10
CA VAL A 501 16.58 -2.87 -24.89
C VAL A 501 17.93 -2.15 -25.02
N LEU A 502 18.57 -2.10 -23.86
CA LEU A 502 19.87 -1.50 -23.69
C LEU A 502 20.93 -2.17 -24.56
N ARG A 503 20.83 -3.48 -24.78
CA ARG A 503 21.70 -4.17 -25.72
C ARG A 503 21.30 -4.02 -27.18
N GLY A 504 20.06 -3.58 -27.42
CA GLY A 504 19.56 -3.44 -28.79
C GLY A 504 19.00 -4.76 -29.26
N GLU A 505 18.96 -5.76 -28.39
CA GLU A 505 18.45 -7.09 -28.65
C GLU A 505 16.95 -7.10 -28.87
N SER A 506 16.20 -6.14 -28.31
CA SER A 506 14.77 -6.05 -28.47
C SER A 506 14.33 -4.58 -28.64
N SER A 507 13.28 -4.53 -29.41
CA SER A 507 12.63 -3.29 -29.76
C SER A 507 11.68 -2.89 -28.65
N LEU A 508 11.28 -1.63 -28.73
CA LEU A 508 10.36 -1.15 -27.70
C LEU A 508 9.42 -0.13 -28.27
N GLN A 509 8.13 -0.37 -28.06
CA GLN A 509 7.10 0.56 -28.54
C GLN A 509 6.72 1.48 -27.38
N LEU A 510 6.74 2.78 -27.51
CA LEU A 510 6.39 3.71 -26.48
C LEU A 510 5.24 4.59 -26.96
N ALA A 511 4.52 5.21 -26.05
CA ALA A 511 3.54 6.21 -26.53
C ALA A 511 4.29 7.40 -27.10
N VAL A 512 3.87 7.98 -28.21
CA VAL A 512 4.42 9.28 -28.64
C VAL A 512 4.12 10.26 -27.51
N PRO A 513 5.07 10.88 -26.86
CA PRO A 513 4.84 11.75 -25.72
C PRO A 513 3.83 12.85 -25.97
N ARG A 514 2.90 13.13 -25.10
CA ARG A 514 1.89 14.15 -25.26
C ARG A 514 2.49 15.54 -25.22
N ILE A 515 2.00 16.40 -26.10
CA ILE A 515 2.33 17.81 -26.04
C ILE A 515 1.57 18.49 -24.91
N VAL A 516 2.29 18.85 -23.84
CA VAL A 516 1.81 19.66 -22.75
C VAL A 516 2.85 20.71 -22.36
#